data_4PYW
#
_entry.id   4PYW
#
_cell.length_a   113.710
_cell.length_b   38.960
_cell.length_c   93.130
_cell.angle_alpha   90.00
_cell.angle_beta   100.13
_cell.angle_gamma   90.00
#
_symmetry.space_group_name_H-M   'C 1 2 1'
#
loop_
_entity.id
_entity.type
_entity.pdbx_description
1 polymer Alpha-1-antitrypsin
2 polymer ACE-THR-THR-ALA-ILE-NH2
3 non-polymer GLYCEROL
4 water water
#
loop_
_entity_poly.entity_id
_entity_poly.type
_entity_poly.pdbx_seq_one_letter_code
_entity_poly.pdbx_strand_id
1 'polypeptide(L)'
;MRGSHHHHHHTDPQGDAAQKTDTSHHDQDHPTFNKITPNLAEFAFSLYRQLAHQSNSTNIFFSPVSIATAFAMLSLGTKA
DTHDEILEGLNFNLTEIPEAQIHEGFQELLRTLNQPDSQLQLTTGNGLFLSEGLKLVDKFLEDVKKLYHSEAFTVNFGDT
EEAKKQINDYVEKGTQGKIVDLVKELDRDTVFALVNYIFFKGKWERPFEVKDTEEEDFHVDQVTTVKVPMMKRLGMFNIQ
HCKKLSSWVLLMKYLGNATAIFFLPDEGKLQHLENELTHDIITKFLENEDRRSASLHLPKLSITGTYDLKSVLGQLGITK
VFSNGADLSGVTEEAPLKLSKAVHKAVLTIDEKGTEAAGAMFLEAIPMSIPPEVKFNKPFVFLMIEQNTKSPLFMGKVVN
PTQK
;
A
2 'polypeptide(L)' (ACE)TTAI(NH2) B,C
#
loop_
_chem_comp.id
_chem_comp.type
_chem_comp.name
_chem_comp.formula
ACE non-polymer 'ACETYL GROUP' 'C2 H4 O'
GOL non-polymer GLYCEROL 'C3 H8 O3'
NH2 non-polymer 'AMINO GROUP' 'H2 N'
#
# COMPACT_ATOMS: atom_id res chain seq x y z
N PHE A 33 16.69 -7.81 -4.80
CA PHE A 33 15.97 -9.08 -4.47
C PHE A 33 14.46 -8.90 -4.15
N ASN A 34 14.05 -7.92 -3.33
CA ASN A 34 14.89 -7.10 -2.45
C ASN A 34 15.13 -7.91 -1.16
N LYS A 35 16.25 -7.63 -0.48
CA LYS A 35 16.57 -8.31 0.77
C LYS A 35 15.42 -8.25 1.79
N ILE A 36 14.71 -7.13 1.82
CA ILE A 36 13.64 -6.90 2.80
C ILE A 36 12.20 -7.12 2.29
N THR A 37 12.05 -7.46 1.01
CA THR A 37 10.73 -7.73 0.47
C THR A 37 9.93 -8.77 1.26
N PRO A 38 10.56 -9.91 1.65
CA PRO A 38 9.84 -10.89 2.48
C PRO A 38 9.24 -10.28 3.73
N ASN A 39 10.02 -9.41 4.38
CA ASN A 39 9.59 -8.70 5.60
C ASN A 39 8.45 -7.72 5.36
N LEU A 40 8.58 -6.94 4.29
CA LEU A 40 7.55 -5.99 3.89
C LEU A 40 6.24 -6.73 3.67
N ALA A 41 6.36 -7.86 2.96
CA ALA A 41 5.24 -8.74 2.70
C ALA A 41 4.58 -9.18 3.98
N GLU A 42 5.38 -9.69 4.91
CA GLU A 42 4.80 -10.21 6.14
C GLU A 42 4.15 -9.08 6.95
N PHE A 43 4.79 -7.91 6.95
CA PHE A 43 4.21 -6.72 7.56
C PHE A 43 2.85 -6.36 6.96
N ALA A 44 2.78 -6.39 5.64
CA ALA A 44 1.53 -6.10 4.95
C ALA A 44 0.42 -6.99 5.49
N PHE A 45 0.71 -8.27 5.73
CA PHE A 45 -0.32 -9.22 6.14
C PHE A 45 -0.71 -9.08 7.59
N SER A 46 0.28 -8.86 8.45
CA SER A 46 0.02 -8.57 9.88
C SER A 46 -0.88 -7.33 10.03
N LEU A 47 -0.45 -6.25 9.39
CA LEU A 47 -1.20 -5.00 9.37
C LEU A 47 -2.60 -5.19 8.76
N TYR A 48 -2.70 -5.85 7.62
CA TYR A 48 -4.00 -6.20 7.03
C TYR A 48 -4.91 -6.96 8.01
N ARG A 49 -4.37 -8.00 8.62
CA ARG A 49 -5.13 -8.85 9.54
C ARG A 49 -5.72 -8.03 10.66
N GLN A 50 -4.94 -7.08 11.15
CA GLN A 50 -5.37 -6.19 12.20
C GLN A 50 -6.47 -5.24 11.73
N LEU A 51 -6.37 -4.74 10.52
CA LEU A 51 -7.40 -3.83 10.01
C LEU A 51 -8.69 -4.60 9.80
N ALA A 52 -8.56 -5.84 9.31
CA ALA A 52 -9.73 -6.66 9.02
C ALA A 52 -10.49 -7.03 10.27
N HIS A 53 -9.79 -7.38 11.32
CA HIS A 53 -10.45 -7.69 12.57
C HIS A 53 -10.22 -6.58 13.54
N GLN A 54 -11.21 -5.77 13.93
CA GLN A 54 -12.41 -5.39 13.19
C GLN A 54 -11.92 -4.04 12.71
N SER A 55 -12.48 -3.41 11.66
CA SER A 55 -13.93 -3.35 11.32
C SER A 55 -14.77 -4.52 10.75
N ASN A 56 -14.19 -5.45 10.00
CA ASN A 56 -14.97 -6.52 9.34
C ASN A 56 -15.99 -6.04 8.27
N SER A 57 -16.23 -4.74 8.14
CA SER A 57 -17.34 -4.26 7.31
C SER A 57 -17.04 -3.02 6.47
N THR A 58 -15.75 -2.70 6.34
CA THR A 58 -15.34 -1.44 5.80
C THR A 58 -14.31 -1.72 4.71
N ASN A 59 -14.31 -0.95 3.62
CA ASN A 59 -13.31 -1.15 2.58
C ASN A 59 -12.01 -0.92 3.28
N ILE A 60 -10.96 -1.61 2.85
CA ILE A 60 -9.64 -1.44 3.42
C ILE A 60 -8.69 -1.08 2.30
N PHE A 61 -7.84 -0.07 2.51
CA PHE A 61 -6.80 0.24 1.55
C PHE A 61 -5.64 0.98 2.22
N PHE A 62 -4.42 0.49 2.00
CA PHE A 62 -3.26 1.08 2.61
C PHE A 62 -2.01 0.71 1.80
N SER A 63 -0.90 1.39 2.05
CA SER A 63 0.37 1.14 1.42
C SER A 63 1.31 0.61 2.48
N PRO A 64 1.54 -0.73 2.47
CA PRO A 64 2.46 -1.25 3.48
C PRO A 64 3.86 -0.62 3.42
N VAL A 65 4.40 -0.46 2.22
CA VAL A 65 5.69 0.18 2.00
C VAL A 65 5.71 1.64 2.50
N SER A 66 4.63 2.39 2.41
CA SER A 66 4.70 3.78 2.86
C SER A 66 4.83 3.81 4.38
N ILE A 67 4.07 2.93 5.03
CA ILE A 67 4.09 2.87 6.47
C ILE A 67 5.43 2.39 6.98
N ALA A 68 5.87 1.23 6.51
CA ALA A 68 7.17 0.73 6.90
C ALA A 68 8.31 1.71 6.57
N THR A 69 8.27 2.36 5.40
CA THR A 69 9.37 3.30 5.07
C THR A 69 9.45 4.45 6.08
N ALA A 70 8.31 4.99 6.49
CA ALA A 70 8.28 6.08 7.45
C ALA A 70 8.82 5.67 8.81
N PHE A 71 8.51 4.45 9.24
CA PHE A 71 8.91 3.98 10.57
C PHE A 71 10.32 3.39 10.64
N ALA A 72 10.78 2.74 9.57
CA ALA A 72 12.21 2.44 9.48
C ALA A 72 13.06 3.73 9.50
N MET A 73 12.60 4.77 8.83
CA MET A 73 13.30 6.06 8.82
C MET A 73 13.27 6.72 10.21
N LEU A 74 12.12 6.66 10.87
CA LEU A 74 11.98 7.09 12.27
C LEU A 74 12.86 6.32 13.26
N SER A 75 12.80 5.00 13.18
CA SER A 75 13.56 4.13 14.12
C SER A 75 15.02 4.54 14.25
N LEU A 76 15.52 5.11 13.17
CA LEU A 76 16.89 5.59 13.03
C LEU A 76 17.30 6.66 14.05
N GLY A 77 16.32 7.39 14.59
CA GLY A 77 16.57 8.31 15.70
C GLY A 77 15.95 7.89 17.03
N THR A 78 15.73 6.59 17.22
CA THR A 78 15.20 6.04 18.47
C THR A 78 16.20 5.02 19.06
N LYS A 79 16.00 4.64 20.32
CA LYS A 79 16.86 3.63 20.93
C LYS A 79 16.12 2.77 21.96
N ALA A 80 16.75 1.68 22.40
CA ALA A 80 16.20 0.85 23.46
C ALA A 80 14.93 0.16 22.97
N ASP A 81 13.92 -0.01 23.84
CA ASP A 81 12.67 -0.67 23.46
C ASP A 81 12.00 0.06 22.31
N THR A 82 11.84 1.37 22.51
CA THR A 82 11.20 2.23 21.53
C THR A 82 11.63 1.88 20.10
N HIS A 83 12.95 1.83 19.93
CA HIS A 83 13.58 1.43 18.67
C HIS A 83 13.27 -0.02 18.30
N ASP A 84 13.59 -0.94 19.21
CA ASP A 84 13.45 -2.37 18.92
C ASP A 84 12.04 -2.74 18.51
N GLU A 85 11.07 -2.24 19.28
CA GLU A 85 9.66 -2.43 18.96
C GLU A 85 9.36 -2.10 17.51
N ILE A 86 9.90 -0.98 17.04
CA ILE A 86 9.59 -0.48 15.72
C ILE A 86 10.00 -1.49 14.69
N LEU A 87 11.27 -1.90 14.71
CA LEU A 87 11.77 -2.88 13.74
C LEU A 87 11.10 -4.25 13.87
N GLU A 88 10.86 -4.69 15.09
CA GLU A 88 10.17 -5.94 15.31
C GLU A 88 8.76 -5.83 14.77
N GLY A 89 8.10 -4.75 15.17
CA GLY A 89 6.76 -4.40 14.71
C GLY A 89 6.64 -4.30 13.20
N LEU A 90 7.75 -4.02 12.52
CA LEU A 90 7.81 -4.09 11.05
C LEU A 90 8.18 -5.46 10.45
N ASN A 91 8.14 -6.50 11.29
CA ASN A 91 8.44 -7.90 10.86
C ASN A 91 9.88 -8.14 10.48
N PHE A 92 10.79 -7.43 11.15
CA PHE A 92 12.20 -7.71 11.06
C PHE A 92 12.57 -8.32 12.38
N ASN A 93 13.09 -9.54 12.34
CA ASN A 93 13.59 -10.16 13.53
C ASN A 93 15.00 -9.67 13.82
N LEU A 94 15.15 -9.00 14.97
CA LEU A 94 16.40 -8.33 15.30
C LEU A 94 17.51 -9.28 15.69
N THR A 95 17.16 -10.47 16.12
CA THR A 95 18.20 -11.45 16.39
C THR A 95 18.43 -12.29 15.12
N GLU A 96 18.35 -11.66 13.94
CA GLU A 96 18.31 -12.37 12.66
C GLU A 96 18.91 -11.61 11.46
N ILE A 97 18.60 -10.32 11.33
CA ILE A 97 19.16 -9.52 10.23
C ILE A 97 19.90 -8.29 10.77
N PRO A 98 21.15 -8.06 10.31
CA PRO A 98 21.89 -6.86 10.69
C PRO A 98 21.12 -5.57 10.36
N GLU A 99 20.91 -4.76 11.40
CA GLU A 99 20.15 -3.53 11.34
C GLU A 99 20.58 -2.65 10.16
N ALA A 100 21.88 -2.60 9.89
CA ALA A 100 22.39 -1.83 8.75
C ALA A 100 21.84 -2.34 7.42
N GLN A 101 21.78 -3.66 7.28
CA GLN A 101 21.31 -4.26 6.03
C GLN A 101 19.83 -4.00 5.76
N ILE A 102 19.06 -3.80 6.84
CA ILE A 102 17.69 -3.34 6.68
C ILE A 102 17.70 -2.01 5.92
N HIS A 103 18.41 -1.02 6.45
CA HIS A 103 18.37 0.32 5.90
C HIS A 103 18.96 0.41 4.51
N GLU A 104 19.97 -0.42 4.23
CA GLU A 104 20.44 -0.57 2.87
C GLU A 104 19.36 -1.18 1.98
N GLY A 105 18.59 -2.12 2.55
CA GLY A 105 17.40 -2.64 1.88
C GLY A 105 16.49 -1.48 1.48
N PHE A 106 16.06 -0.69 2.46
CA PHE A 106 15.16 0.43 2.21
C PHE A 106 15.75 1.45 1.24
N GLN A 107 17.03 1.77 1.39
CA GLN A 107 17.69 2.64 0.43
C GLN A 107 17.63 2.10 -1.00
N GLU A 108 17.83 0.80 -1.17
CA GLU A 108 17.82 0.23 -2.53
C GLU A 108 16.40 0.09 -3.06
N LEU A 109 15.46 -0.25 -2.19
CA LEU A 109 14.05 -0.30 -2.54
C LEU A 109 13.64 1.06 -3.12
N LEU A 110 13.81 2.11 -2.31
CA LEU A 110 13.43 3.46 -2.68
C LEU A 110 14.09 3.87 -3.97
N ARG A 111 15.37 3.64 -4.12
CA ARG A 111 16.05 3.91 -5.36
C ARG A 111 15.30 3.28 -6.52
N THR A 112 15.07 1.98 -6.41
CA THR A 112 14.40 1.22 -7.45
C THR A 112 13.00 1.68 -7.75
N LEU A 113 12.23 1.95 -6.70
CA LEU A 113 10.88 2.44 -6.88
C LEU A 113 10.85 3.75 -7.65
N ASN A 114 11.85 4.60 -7.44
CA ASN A 114 11.89 5.87 -8.18
C ASN A 114 12.56 5.82 -9.56
N GLN A 115 12.75 4.61 -10.10
CA GLN A 115 13.16 4.45 -11.52
C GLN A 115 12.15 3.58 -12.31
N PRO A 116 10.88 4.00 -12.40
CA PRO A 116 9.92 3.22 -13.17
C PRO A 116 10.23 3.15 -14.65
N ASP A 117 9.74 2.11 -15.29
CA ASP A 117 9.71 2.05 -16.75
C ASP A 117 8.90 3.26 -17.19
N SER A 118 9.13 3.74 -18.40
CA SER A 118 8.54 5.01 -18.83
C SER A 118 7.04 4.98 -19.05
N GLN A 119 6.45 3.79 -19.16
CA GLN A 119 4.99 3.71 -19.32
C GLN A 119 4.25 3.63 -18.00
N LEU A 120 4.99 3.50 -16.91
CA LEU A 120 4.47 3.55 -15.55
C LEU A 120 4.87 4.82 -14.78
N GLN A 121 3.93 5.42 -14.05
CA GLN A 121 4.29 6.47 -13.08
C GLN A 121 4.38 5.94 -11.67
N LEU A 122 5.54 6.10 -11.08
CA LEU A 122 5.76 5.68 -9.70
C LEU A 122 6.82 6.59 -9.06
N THR A 123 6.43 7.20 -7.94
CA THR A 123 7.25 8.13 -7.21
C THR A 123 7.04 7.93 -5.75
N THR A 124 8.12 8.06 -5.01
CA THR A 124 8.03 8.11 -3.56
C THR A 124 9.00 9.15 -3.07
N GLY A 125 8.63 9.78 -1.96
CA GLY A 125 9.49 10.75 -1.31
C GLY A 125 9.25 10.74 0.17
N ASN A 126 10.30 11.05 0.91
CA ASN A 126 10.22 11.28 2.34
C ASN A 126 10.58 12.69 2.68
N GLY A 127 9.83 13.24 3.62
CA GLY A 127 10.01 14.60 4.03
C GLY A 127 10.15 14.71 5.53
N LEU A 128 11.15 15.45 5.97
CA LEU A 128 11.30 15.77 7.37
C LEU A 128 10.90 17.24 7.63
N PHE A 129 10.16 17.47 8.72
CA PHE A 129 9.65 18.82 9.06
C PHE A 129 10.07 19.21 10.46
N LEU A 130 10.83 20.30 10.55
CA LEU A 130 11.60 20.69 11.76
C LEU A 130 11.33 22.13 12.25
N SER A 131 11.15 22.27 13.56
CA SER A 131 10.98 23.59 14.16
C SER A 131 12.28 24.40 14.06
N GLU A 132 12.15 25.72 13.88
CA GLU A 132 13.33 26.58 13.72
C GLU A 132 14.38 26.29 14.79
N GLY A 133 13.98 26.43 16.05
CA GLY A 133 14.91 26.32 17.17
C GLY A 133 14.89 24.96 17.80
N LEU A 134 15.03 23.92 17.00
CA LEU A 134 15.05 22.55 17.51
C LEU A 134 16.45 21.96 17.37
N LYS A 135 16.90 21.29 18.44
CA LYS A 135 18.25 20.74 18.54
C LYS A 135 18.36 19.37 17.89
N LEU A 136 18.92 19.30 16.67
CA LEU A 136 18.92 18.06 15.90
C LEU A 136 20.30 17.35 15.87
N VAL A 137 20.33 16.06 16.19
CA VAL A 137 21.56 15.26 16.12
C VAL A 137 22.01 15.15 14.65
N ASP A 138 23.21 15.63 14.34
CA ASP A 138 23.67 15.69 12.94
C ASP A 138 23.67 14.31 12.30
N LYS A 139 23.95 13.27 13.09
CA LYS A 139 23.98 11.89 12.60
C LYS A 139 22.64 11.47 12.00
N PHE A 140 21.58 11.70 12.75
CA PHE A 140 20.25 11.37 12.30
C PHE A 140 19.99 12.07 10.96
N LEU A 141 20.34 13.34 10.89
CA LEU A 141 20.15 14.12 9.69
C LEU A 141 20.78 13.48 8.47
N GLU A 142 22.02 13.03 8.59
CA GLU A 142 22.76 12.49 7.43
C GLU A 142 22.33 11.07 7.07
N ASP A 143 21.78 10.33 8.04
CA ASP A 143 21.25 8.97 7.81
C ASP A 143 20.00 8.97 6.94
N VAL A 144 19.03 9.81 7.31
CA VAL A 144 17.79 9.91 6.55
C VAL A 144 18.02 10.43 5.12
N LYS A 145 18.96 11.34 4.94
CA LYS A 145 19.27 11.84 3.62
C LYS A 145 19.86 10.74 2.76
N LYS A 146 20.83 10.01 3.32
CA LYS A 146 21.54 8.98 2.54
C LYS A 146 20.70 7.73 2.35
N LEU A 147 20.21 7.19 3.47
CA LEU A 147 19.49 5.91 3.45
C LEU A 147 18.09 6.05 2.88
N TYR A 148 17.41 7.13 3.28
CA TYR A 148 16.02 7.33 2.89
C TYR A 148 15.81 8.48 1.91
N HIS A 149 16.90 9.02 1.34
CA HIS A 149 16.82 10.07 0.31
C HIS A 149 15.92 11.24 0.74
N SER A 150 15.88 11.52 2.03
CA SER A 150 14.88 12.43 2.57
C SER A 150 15.22 13.88 2.22
N GLU A 151 14.18 14.68 2.01
CA GLU A 151 14.30 16.13 1.99
C GLU A 151 14.06 16.64 3.41
N ALA A 152 14.44 17.89 3.69
CA ALA A 152 14.26 18.46 5.04
C ALA A 152 13.90 19.93 4.96
N PHE A 153 12.97 20.33 5.82
CA PHE A 153 12.38 21.63 5.76
C PHE A 153 12.30 22.16 7.19
N THR A 154 12.58 23.45 7.36
CA THR A 154 12.26 24.15 8.59
C THR A 154 10.86 24.70 8.46
N VAL A 155 10.07 24.57 9.52
CA VAL A 155 8.75 25.17 9.54
C VAL A 155 8.50 25.82 10.87
N ASN A 156 7.54 26.72 10.88
CA ASN A 156 7.16 27.42 12.09
C ASN A 156 5.96 26.75 12.73
N PHE A 157 6.27 25.88 13.69
CA PHE A 157 5.26 25.15 14.44
C PHE A 157 4.56 26.07 15.42
N GLY A 158 5.16 27.24 15.69
CA GLY A 158 4.52 28.34 16.41
C GLY A 158 3.16 28.75 15.86
N ASP A 159 3.01 28.67 14.54
CA ASP A 159 1.73 28.86 13.86
C ASP A 159 1.19 27.51 13.36
N THR A 160 0.39 26.87 14.21
CA THR A 160 -0.11 25.50 13.99
C THR A 160 -0.85 25.33 12.67
N GLU A 161 -1.77 26.24 12.36
CA GLU A 161 -2.47 26.20 11.08
C GLU A 161 -1.54 26.29 9.87
N GLU A 162 -0.56 27.18 9.91
CA GLU A 162 0.38 27.36 8.79
C GLU A 162 1.38 26.19 8.63
N ALA A 163 1.85 25.64 9.74
CA ALA A 163 2.75 24.45 9.66
C ALA A 163 2.05 23.25 9.00
N LYS A 164 0.79 23.00 9.39
CA LYS A 164 -0.05 22.02 8.71
C LYS A 164 -0.21 22.32 7.25
N LYS A 165 -0.45 23.57 6.91
CA LYS A 165 -0.54 23.95 5.54
C LYS A 165 0.73 23.56 4.79
N GLN A 166 1.90 23.82 5.38
CA GLN A 166 3.17 23.53 4.70
C GLN A 166 3.40 22.00 4.59
N ILE A 167 3.03 21.27 5.62
CA ILE A 167 3.17 19.82 5.53
C ILE A 167 2.27 19.26 4.43
N ASN A 168 0.98 19.58 4.50
CA ASN A 168 0.01 19.10 3.54
C ASN A 168 0.33 19.54 2.13
N ASP A 169 1.04 20.66 2.01
CA ASP A 169 1.55 21.11 0.72
C ASP A 169 2.60 20.16 0.14
N TYR A 170 3.53 19.67 0.96
CA TYR A 170 4.51 18.66 0.49
C TYR A 170 3.82 17.44 -0.13
N VAL A 171 2.78 16.99 0.57
CA VAL A 171 2.01 15.82 0.16
C VAL A 171 1.19 16.11 -1.10
N GLU A 172 0.52 17.26 -1.13
CA GLU A 172 -0.22 17.64 -2.32
C GLU A 172 0.68 17.64 -3.55
N LYS A 173 1.89 18.19 -3.40
CA LYS A 173 2.88 18.21 -4.49
C LYS A 173 3.33 16.81 -4.84
N GLY A 174 3.69 15.98 -3.85
CA GLY A 174 4.13 14.58 -4.11
C GLY A 174 3.06 13.72 -4.76
N THR A 175 1.82 14.01 -4.42
CA THR A 175 0.63 13.28 -4.84
C THR A 175 -0.08 13.95 -6.06
N GLN A 176 0.60 14.87 -6.74
CA GLN A 176 0.07 15.53 -7.92
C GLN A 176 -1.35 16.09 -7.73
N GLY A 177 -1.66 16.54 -6.52
CA GLY A 177 -2.89 17.26 -6.25
C GLY A 177 -3.99 16.44 -5.63
N LYS A 178 -3.79 15.14 -5.52
CA LYS A 178 -4.86 14.23 -5.12
C LYS A 178 -5.09 14.18 -3.63
N ILE A 179 -4.13 14.59 -2.83
CA ILE A 179 -4.29 14.53 -1.39
C ILE A 179 -3.93 15.91 -0.86
N VAL A 180 -4.94 16.69 -0.49
CA VAL A 180 -4.74 18.10 -0.05
C VAL A 180 -4.70 18.29 1.48
N ASP A 181 -4.95 17.24 2.25
CA ASP A 181 -5.36 17.38 3.65
C ASP A 181 -4.99 16.20 4.52
N LEU A 182 -3.84 15.57 4.24
CA LEU A 182 -3.46 14.40 4.99
C LEU A 182 -3.54 14.69 6.47
N VAL A 183 -2.84 15.73 6.91
CA VAL A 183 -2.76 16.10 8.32
C VAL A 183 -3.85 17.08 8.68
N LYS A 184 -4.70 16.73 9.64
CA LYS A 184 -5.80 17.58 10.07
C LYS A 184 -5.63 18.14 11.49
N GLU A 185 -4.71 17.59 12.26
CA GLU A 185 -4.51 18.06 13.62
C GLU A 185 -3.07 18.00 13.99
N LEU A 186 -2.65 18.99 14.75
CA LEU A 186 -1.29 19.06 15.19
C LEU A 186 -1.33 19.51 16.64
N ASP A 187 -0.80 18.67 17.53
CA ASP A 187 -0.63 19.08 18.92
C ASP A 187 0.18 20.37 18.97
N ARG A 188 -0.10 21.21 19.96
CA ARG A 188 0.59 22.49 20.08
C ARG A 188 2.09 22.38 20.37
N ASP A 189 2.51 21.38 21.14
CA ASP A 189 3.92 21.24 21.49
C ASP A 189 4.82 20.70 20.37
N THR A 190 4.27 20.16 19.28
CA THR A 190 5.12 19.42 18.32
C THR A 190 6.13 20.32 17.58
N VAL A 191 7.33 19.80 17.39
CA VAL A 191 8.43 20.50 16.75
C VAL A 191 9.08 19.65 15.67
N PHE A 192 8.42 18.56 15.29
CA PHE A 192 9.02 17.59 14.42
C PHE A 192 7.92 16.73 13.82
N ALA A 193 8.03 16.42 12.52
CA ALA A 193 7.11 15.50 11.84
C ALA A 193 7.79 14.89 10.63
N LEU A 194 7.30 13.69 10.26
CA LEU A 194 7.89 12.87 9.21
C LEU A 194 6.77 12.43 8.25
N VAL A 195 7.04 12.51 6.97
CA VAL A 195 6.05 12.24 5.97
C VAL A 195 6.65 11.35 4.89
N ASN A 196 5.88 10.38 4.47
CA ASN A 196 6.21 9.61 3.30
C ASN A 196 4.99 9.66 2.41
N TYR A 197 5.22 9.83 1.13
CA TYR A 197 4.15 9.69 0.17
C TYR A 197 4.64 8.76 -0.92
N ILE A 198 3.67 8.11 -1.56
CA ILE A 198 3.92 7.33 -2.75
C ILE A 198 2.82 7.61 -3.74
N PHE A 199 3.21 7.72 -4.98
CA PHE A 199 2.24 7.99 -6.03
C PHE A 199 2.40 6.96 -7.15
N PHE A 200 1.31 6.28 -7.44
CA PHE A 200 1.33 5.27 -8.48
C PHE A 200 0.24 5.54 -9.51
N LYS A 201 0.62 5.54 -10.76
CA LYS A 201 -0.35 5.59 -11.81
C LYS A 201 0.03 4.71 -12.98
N GLY A 202 -0.84 3.76 -13.28
CA GLY A 202 -0.57 2.68 -14.23
C GLY A 202 -1.69 2.41 -15.22
N LYS A 203 -1.29 1.84 -16.35
CA LYS A 203 -2.16 1.52 -17.43
C LYS A 203 -2.13 0.01 -17.56
N TRP A 204 -3.27 -0.61 -17.79
CA TRP A 204 -3.30 -2.05 -17.94
C TRP A 204 -2.58 -2.41 -19.24
N GLU A 205 -1.68 -3.40 -19.20
CA GLU A 205 -1.13 -4.00 -20.43
C GLU A 205 -2.21 -4.48 -21.38
N ARG A 206 -3.29 -5.01 -20.84
CA ARG A 206 -4.37 -5.55 -21.65
C ARG A 206 -5.65 -5.00 -21.10
N PRO A 207 -6.07 -3.83 -21.62
CA PRO A 207 -7.14 -3.10 -20.99
C PRO A 207 -8.55 -3.58 -21.33
N PHE A 208 -9.52 -3.04 -20.60
CA PHE A 208 -10.92 -3.28 -20.85
C PHE A 208 -11.42 -2.23 -21.82
N GLU A 209 -12.49 -2.55 -22.55
CA GLU A 209 -13.15 -1.58 -23.43
C GLU A 209 -14.28 -0.87 -22.72
N VAL A 210 -14.23 0.46 -22.75
CA VAL A 210 -15.21 1.33 -22.10
C VAL A 210 -16.63 1.00 -22.55
N LYS A 211 -16.80 0.59 -23.80
CA LYS A 211 -18.12 0.22 -24.33
C LYS A 211 -18.79 -0.90 -23.52
N ASP A 212 -17.96 -1.80 -22.97
CA ASP A 212 -18.43 -2.97 -22.26
C ASP A 212 -18.69 -2.77 -20.78
N THR A 213 -18.33 -1.61 -20.24
CA THR A 213 -18.61 -1.32 -18.85
C THR A 213 -20.11 -1.07 -18.67
N GLU A 214 -20.75 -1.81 -17.77
CA GLU A 214 -22.18 -1.73 -17.51
C GLU A 214 -22.42 -1.89 -16.03
N GLU A 215 -23.57 -1.43 -15.60
CA GLU A 215 -23.98 -1.51 -14.22
C GLU A 215 -24.40 -2.95 -13.87
N GLU A 216 -23.76 -3.52 -12.85
CA GLU A 216 -24.10 -4.85 -12.32
C GLU A 216 -24.27 -4.77 -10.81
N ASP A 217 -24.79 -5.87 -10.26
CA ASP A 217 -24.92 -6.03 -8.82
C ASP A 217 -23.59 -6.40 -8.17
N PHE A 218 -23.38 -5.84 -6.99
CA PHE A 218 -22.27 -6.18 -6.17
C PHE A 218 -22.86 -6.69 -4.86
N HIS A 219 -22.50 -7.91 -4.51
CA HIS A 219 -23.02 -8.57 -3.30
C HIS A 219 -22.26 -8.19 -2.05
N VAL A 220 -22.70 -7.12 -1.40
CA VAL A 220 -22.11 -6.67 -0.14
C VAL A 220 -22.38 -7.69 0.96
N ASP A 221 -23.57 -8.30 0.92
CA ASP A 221 -23.99 -9.36 1.84
C ASP A 221 -24.33 -10.56 1.00
N GLN A 222 -24.41 -11.69 1.68
CA GLN A 222 -25.06 -12.91 1.15
C GLN A 222 -26.49 -12.65 0.64
N VAL A 223 -27.22 -11.69 1.21
CA VAL A 223 -28.57 -11.33 0.74
C VAL A 223 -28.80 -9.87 0.24
N THR A 224 -27.76 -9.09 0.09
CA THR A 224 -27.90 -7.65 -0.24
C THR A 224 -26.97 -7.30 -1.38
N THR A 225 -27.48 -6.52 -2.34
CA THR A 225 -26.72 -6.00 -3.43
C THR A 225 -26.82 -4.47 -3.62
N VAL A 226 -25.76 -3.88 -4.16
CA VAL A 226 -25.71 -2.48 -4.65
C VAL A 226 -25.29 -2.46 -6.14
N LYS A 227 -25.63 -1.40 -6.85
CA LYS A 227 -25.24 -1.24 -8.26
C LYS A 227 -23.85 -0.64 -8.36
N VAL A 228 -23.04 -1.20 -9.22
CA VAL A 228 -21.69 -0.73 -9.43
C VAL A 228 -21.45 -0.77 -10.94
N PRO A 229 -20.68 0.17 -11.47
CA PRO A 229 -20.20 -0.01 -12.83
C PRO A 229 -19.18 -1.15 -12.88
N MET A 230 -19.41 -2.10 -13.78
CA MET A 230 -18.62 -3.33 -13.81
C MET A 230 -17.97 -3.44 -15.17
N MET A 231 -16.64 -3.45 -15.17
CA MET A 231 -15.91 -3.66 -16.37
C MET A 231 -15.95 -5.15 -16.69
N LYS A 232 -15.93 -5.49 -17.98
CA LYS A 232 -15.78 -6.91 -18.40
C LYS A 232 -14.98 -7.09 -19.68
N ARG A 233 -14.44 -8.30 -19.82
CA ARG A 233 -13.58 -8.63 -20.92
C ARG A 233 -13.51 -10.16 -21.02
N LEU A 234 -13.66 -10.69 -22.22
CA LEU A 234 -13.32 -12.07 -22.52
C LEU A 234 -11.91 -12.07 -23.02
N GLY A 235 -11.06 -12.84 -22.36
CA GLY A 235 -9.66 -12.82 -22.72
C GLY A 235 -8.95 -14.05 -22.16
N MET A 236 -7.62 -14.11 -22.32
CA MET A 236 -6.76 -15.18 -21.72
C MET A 236 -5.99 -14.58 -20.59
N PHE A 237 -6.29 -15.03 -19.37
CA PHE A 237 -5.83 -14.45 -18.16
C PHE A 237 -4.97 -15.42 -17.38
N ASN A 238 -4.02 -14.85 -16.66
CA ASN A 238 -3.26 -15.53 -15.66
C ASN A 238 -4.14 -15.64 -14.44
N ILE A 239 -4.94 -16.71 -14.46
CA ILE A 239 -5.98 -16.88 -13.50
C ILE A 239 -5.98 -18.34 -13.14
N GLN A 240 -6.23 -18.62 -11.88
CA GLN A 240 -6.34 -20.00 -11.40
C GLN A 240 -7.17 -20.07 -10.13
N HIS A 241 -7.74 -21.23 -9.89
CA HIS A 241 -8.34 -21.50 -8.62
C HIS A 241 -7.36 -22.22 -7.69
N CYS A 242 -7.17 -21.69 -6.49
CA CYS A 242 -6.22 -22.24 -5.54
C CYS A 242 -6.98 -22.80 -4.34
N LYS A 243 -6.86 -24.10 -4.11
CA LYS A 243 -7.56 -24.77 -3.01
C LYS A 243 -7.07 -24.34 -1.64
N LYS A 244 -5.76 -24.08 -1.51
CA LYS A 244 -5.19 -23.70 -0.24
C LYS A 244 -5.82 -22.40 0.28
N LEU A 245 -6.22 -21.53 -0.64
CA LEU A 245 -6.84 -20.27 -0.32
C LEU A 245 -8.35 -20.26 -0.54
N SER A 246 -8.88 -21.32 -1.15
CA SER A 246 -10.30 -21.41 -1.50
C SER A 246 -10.70 -20.13 -2.25
N SER A 247 -9.90 -19.76 -3.25
CA SER A 247 -10.06 -18.48 -3.95
C SER A 247 -9.59 -18.60 -5.39
N TRP A 248 -10.26 -17.89 -6.27
CA TRP A 248 -9.69 -17.59 -7.57
C TRP A 248 -8.58 -16.56 -7.39
N VAL A 249 -7.47 -16.72 -8.13
CA VAL A 249 -6.33 -15.79 -8.12
C VAL A 249 -6.01 -15.25 -9.50
N LEU A 250 -6.14 -13.95 -9.64
CA LEU A 250 -5.96 -13.28 -10.93
C LEU A 250 -4.76 -12.35 -10.85
N LEU A 251 -3.85 -12.45 -11.83
CA LEU A 251 -2.75 -11.50 -11.92
C LEU A 251 -3.01 -10.61 -13.13
N MET A 252 -2.96 -9.31 -12.91
CA MET A 252 -3.13 -8.31 -13.99
C MET A 252 -1.87 -7.44 -14.10
N LYS A 253 -1.22 -7.43 -15.26
CA LYS A 253 0.02 -6.71 -15.43
C LYS A 253 -0.28 -5.28 -15.89
N TYR A 254 0.44 -4.34 -15.33
CA TYR A 254 0.44 -2.93 -15.83
C TYR A 254 1.56 -2.84 -16.84
N LEU A 255 1.43 -1.98 -17.84
CA LEU A 255 2.58 -1.60 -18.65
C LEU A 255 3.67 -1.09 -17.72
N GLY A 256 4.89 -1.56 -17.92
CA GLY A 256 5.98 -1.26 -17.01
C GLY A 256 6.07 -2.27 -15.89
N ASN A 257 6.71 -1.84 -14.81
CA ASN A 257 7.24 -2.73 -13.81
C ASN A 257 6.31 -2.92 -12.62
N ALA A 258 5.08 -3.33 -12.89
CA ALA A 258 4.12 -3.62 -11.81
C ALA A 258 2.99 -4.55 -12.21
N THR A 259 2.45 -5.22 -11.17
CA THR A 259 1.35 -6.16 -11.31
CA THR A 259 1.34 -6.16 -11.30
C THR A 259 0.36 -6.03 -10.15
N ALA A 260 -0.92 -6.27 -10.42
CA ALA A 260 -1.92 -6.33 -9.40
C ALA A 260 -2.36 -7.81 -9.25
N ILE A 261 -2.53 -8.27 -8.03
CA ILE A 261 -3.07 -9.58 -7.80
C ILE A 261 -4.46 -9.39 -7.17
N PHE A 262 -5.47 -10.03 -7.75
CA PHE A 262 -6.77 -10.01 -7.13
C PHE A 262 -7.16 -11.38 -6.60
N PHE A 263 -7.77 -11.44 -5.43
CA PHE A 263 -8.18 -12.76 -4.80
C PHE A 263 -9.68 -12.78 -4.55
N LEU A 264 -10.39 -13.68 -5.22
CA LEU A 264 -11.83 -13.85 -5.01
C LEU A 264 -12.14 -15.08 -4.19
N PRO A 265 -12.52 -14.89 -2.92
CA PRO A 265 -12.74 -16.09 -2.08
C PRO A 265 -14.00 -16.89 -2.46
N ASP A 266 -13.91 -18.20 -2.30
CA ASP A 266 -15.09 -19.04 -2.44
C ASP A 266 -16.09 -18.61 -1.39
N GLU A 267 -17.36 -18.91 -1.65
CA GLU A 267 -18.42 -18.60 -0.71
C GLU A 267 -18.06 -18.97 0.75
N GLY A 268 -18.35 -18.05 1.65
CA GLY A 268 -18.01 -18.17 3.07
C GLY A 268 -16.53 -18.43 3.34
N LYS A 269 -15.65 -18.09 2.41
CA LYS A 269 -14.22 -18.37 2.61
C LYS A 269 -13.34 -17.12 2.72
N LEU A 270 -13.95 -15.94 2.87
CA LEU A 270 -13.13 -14.73 2.93
C LEU A 270 -12.10 -14.83 4.06
N GLN A 271 -12.55 -15.24 5.24
CA GLN A 271 -11.72 -15.23 6.46
C GLN A 271 -10.55 -16.19 6.33
N HIS A 272 -10.86 -17.38 5.82
CA HIS A 272 -9.84 -18.38 5.51
C HIS A 272 -8.79 -17.80 4.53
N LEU A 273 -9.28 -17.16 3.47
CA LEU A 273 -8.37 -16.52 2.54
C LEU A 273 -7.49 -15.49 3.29
N GLU A 274 -8.12 -14.60 4.05
CA GLU A 274 -7.39 -13.59 4.84
C GLU A 274 -6.34 -14.19 5.77
N ASN A 275 -6.67 -15.34 6.36
CA ASN A 275 -5.76 -15.99 7.29
C ASN A 275 -4.65 -16.78 6.66
N GLU A 276 -4.77 -17.19 5.40
CA GLU A 276 -3.76 -18.08 4.81
C GLU A 276 -2.77 -17.45 3.83
N LEU A 277 -2.94 -16.17 3.52
CA LEU A 277 -1.95 -15.47 2.68
C LEU A 277 -0.58 -15.42 3.32
N THR A 278 0.44 -15.74 2.53
CA THR A 278 1.85 -15.69 2.95
C THR A 278 2.69 -15.16 1.81
N HIS A 279 3.89 -14.71 2.15
CA HIS A 279 4.83 -14.31 1.12
C HIS A 279 5.14 -15.46 0.14
N ASP A 280 5.36 -16.64 0.68
CA ASP A 280 5.71 -17.76 -0.17
C ASP A 280 4.63 -18.09 -1.19
N ILE A 281 3.38 -18.15 -0.76
CA ILE A 281 2.29 -18.39 -1.70
C ILE A 281 2.23 -17.33 -2.81
N ILE A 282 2.42 -16.05 -2.47
CA ILE A 282 2.28 -15.04 -3.52
C ILE A 282 3.41 -15.16 -4.52
N THR A 283 4.61 -15.42 -4.00
CA THR A 283 5.79 -15.63 -4.85
C THR A 283 5.53 -16.72 -5.90
N LYS A 284 4.88 -17.80 -5.50
CA LYS A 284 4.53 -18.89 -6.43
C LYS A 284 3.63 -18.38 -7.54
N PHE A 285 2.57 -17.67 -7.17
CA PHE A 285 1.64 -17.15 -8.16
C PHE A 285 2.33 -16.24 -9.16
N LEU A 286 3.21 -15.38 -8.66
CA LEU A 286 3.97 -14.49 -9.55
C LEU A 286 4.79 -15.27 -10.59
N GLU A 287 5.24 -16.47 -10.23
CA GLU A 287 6.03 -17.31 -11.14
C GLU A 287 5.22 -18.00 -12.23
N ASN A 288 3.91 -18.14 -12.00
CA ASN A 288 3.05 -18.82 -12.96
C ASN A 288 2.84 -17.98 -14.20
N GLU A 289 2.96 -18.60 -15.36
CA GLU A 289 2.80 -17.89 -16.61
C GLU A 289 1.67 -18.42 -17.47
N ASP A 290 1.05 -19.50 -17.07
CA ASP A 290 -0.02 -20.03 -17.88
C ASP A 290 -1.19 -19.04 -17.93
N ARG A 291 -1.81 -18.98 -19.11
CA ARG A 291 -3.01 -18.23 -19.34
C ARG A 291 -4.16 -19.17 -19.65
N ARG A 292 -5.35 -18.84 -19.20
CA ARG A 292 -6.53 -19.51 -19.72
C ARG A 292 -7.67 -18.54 -19.92
N SER A 293 -8.64 -19.00 -20.70
CA SER A 293 -9.84 -18.23 -21.05
CA SER A 293 -9.82 -18.17 -21.04
C SER A 293 -10.67 -17.94 -19.81
N ALA A 294 -11.17 -16.71 -19.69
CA ALA A 294 -12.14 -16.38 -18.68
C ALA A 294 -12.91 -15.15 -19.13
N SER A 295 -14.14 -15.10 -18.67
CA SER A 295 -14.97 -13.94 -18.86
C SER A 295 -14.91 -13.20 -17.51
N LEU A 296 -14.09 -12.15 -17.47
CA LEU A 296 -13.76 -11.42 -16.28
C LEU A 296 -14.66 -10.19 -16.08
N HIS A 297 -15.23 -10.09 -14.88
CA HIS A 297 -16.01 -8.90 -14.49
C HIS A 297 -15.27 -8.33 -13.31
N LEU A 298 -14.89 -7.06 -13.43
CA LEU A 298 -14.12 -6.37 -12.42
C LEU A 298 -14.70 -4.96 -12.27
N PRO A 299 -14.98 -4.53 -11.01
CA PRO A 299 -15.62 -3.27 -10.86
C PRO A 299 -14.67 -2.11 -11.11
N LYS A 300 -15.21 -1.10 -11.75
CA LYS A 300 -14.59 0.19 -11.81
C LYS A 300 -14.85 0.84 -10.43
N LEU A 301 -13.82 1.34 -9.76
CA LEU A 301 -14.05 1.85 -8.41
C LEU A 301 -13.05 2.84 -7.88
N SER A 302 -13.45 3.52 -6.79
CA SER A 302 -12.55 4.31 -5.93
C SER A 302 -12.84 3.99 -4.52
N ILE A 303 -11.81 3.73 -3.76
CA ILE A 303 -12.00 3.48 -2.37
C ILE A 303 -10.89 4.24 -1.70
N THR A 304 -11.11 4.51 -0.43
CA THR A 304 -10.09 5.16 0.36
C THR A 304 -10.04 4.49 1.73
N GLY A 305 -8.83 4.36 2.25
CA GLY A 305 -8.63 3.96 3.62
C GLY A 305 -7.95 5.10 4.37
N THR A 306 -8.48 5.41 5.57
CA THR A 306 -7.89 6.36 6.52
C THR A 306 -7.69 5.73 7.91
N TYR A 307 -6.48 5.83 8.44
CA TYR A 307 -6.12 5.08 9.65
C TYR A 307 -5.38 5.93 10.66
N ASP A 308 -5.75 5.73 11.93
CA ASP A 308 -5.00 6.20 13.08
C ASP A 308 -3.98 5.14 13.44
N LEU A 309 -2.73 5.40 13.09
CA LEU A 309 -1.70 4.40 13.24
C LEU A 309 -1.29 4.08 14.67
N LYS A 310 -1.68 4.89 15.65
CA LYS A 310 -1.38 4.58 17.04
C LYS A 310 -2.04 3.27 17.49
N SER A 311 -3.36 3.28 17.52
CA SER A 311 -4.15 2.13 17.95
C SER A 311 -3.80 0.90 17.13
N VAL A 312 -3.72 1.08 15.82
CA VAL A 312 -3.46 -0.01 14.89
C VAL A 312 -2.08 -0.66 15.06
N LEU A 313 -1.04 0.14 15.13
CA LEU A 313 0.35 -0.35 15.22
C LEU A 313 0.72 -0.73 16.65
N GLY A 314 0.10 -0.11 17.64
CA GLY A 314 0.24 -0.53 19.04
C GLY A 314 -0.30 -1.93 19.23
N GLN A 315 -1.30 -2.29 18.43
CA GLN A 315 -1.83 -3.65 18.43
C GLN A 315 -0.80 -4.68 17.89
N LEU A 316 0.27 -4.18 17.25
CA LEU A 316 1.36 -4.97 16.70
C LEU A 316 2.66 -4.74 17.46
N GLY A 317 2.56 -4.30 18.71
CA GLY A 317 3.73 -4.20 19.57
C GLY A 317 4.60 -2.99 19.30
N ILE A 318 3.99 -1.92 18.83
CA ILE A 318 4.65 -0.61 18.72
C ILE A 318 3.82 0.40 19.52
N THR A 319 4.12 0.46 20.81
CA THR A 319 3.42 1.34 21.75
C THR A 319 4.31 2.44 22.34
N LYS A 320 5.63 2.21 22.40
CA LYS A 320 6.54 3.06 23.19
C LYS A 320 6.71 4.45 22.59
N VAL A 321 7.10 4.51 21.32
CA VAL A 321 7.19 5.79 20.60
C VAL A 321 5.97 6.70 20.78
N PHE A 322 4.80 6.11 21.00
CA PHE A 322 3.58 6.89 21.22
C PHE A 322 3.44 7.45 22.65
N SER A 323 4.20 6.88 23.60
CA SER A 323 4.08 7.20 25.04
C SER A 323 5.18 8.15 25.52
N ASN A 324 5.21 8.43 26.84
CA ASN A 324 6.17 9.39 27.40
C ASN A 324 7.58 8.88 27.39
N GLY A 325 7.73 7.66 27.87
CA GLY A 325 9.02 6.97 27.87
C GLY A 325 9.68 7.04 26.51
N ALA A 326 8.88 7.21 25.44
CA ALA A 326 9.39 7.31 24.09
C ALA A 326 10.83 7.79 24.04
N ASP A 327 11.75 6.91 23.65
CA ASP A 327 13.15 7.29 23.50
C ASP A 327 13.36 7.97 22.15
N LEU A 328 12.82 9.18 22.05
CA LEU A 328 12.98 10.05 20.87
C LEU A 328 14.35 10.78 20.87
N SER A 329 15.38 10.15 21.45
CA SER A 329 16.65 10.83 21.79
C SER A 329 17.74 10.79 20.71
N GLY A 330 17.69 9.80 19.82
CA GLY A 330 18.62 9.72 18.68
C GLY A 330 18.41 10.79 17.62
N VAL A 331 17.31 11.57 17.78
CA VAL A 331 17.02 12.76 16.95
C VAL A 331 17.42 14.08 17.63
N THR A 332 16.91 14.30 18.85
CA THR A 332 17.24 15.46 19.66
C THR A 332 17.53 15.00 21.07
N LEU A 339 5.46 14.36 18.82
CA LEU A 339 5.24 13.23 17.91
C LEU A 339 4.49 12.07 18.58
N SER A 340 3.20 12.28 18.83
CA SER A 340 2.29 11.26 19.36
C SER A 340 1.32 10.73 18.30
N LYS A 341 0.89 11.59 17.39
CA LYS A 341 -0.12 11.25 16.41
C LYS A 341 0.53 10.71 15.14
N ALA A 342 -0.10 9.70 14.55
CA ALA A 342 0.37 9.11 13.29
C ALA A 342 -0.85 8.77 12.44
N VAL A 343 -0.81 9.16 11.17
CA VAL A 343 -1.92 8.92 10.26
C VAL A 343 -1.50 8.31 8.93
N HIS A 344 -2.43 7.54 8.37
CA HIS A 344 -2.24 6.98 7.04
C HIS A 344 -3.51 7.16 6.27
N LYS A 345 -3.37 7.57 5.02
CA LYS A 345 -4.48 7.69 4.11
C LYS A 345 -4.07 7.17 2.75
N ALA A 346 -4.95 6.40 2.10
CA ALA A 346 -4.65 5.82 0.79
C ALA A 346 -5.88 5.82 -0.06
N VAL A 347 -5.68 6.14 -1.32
CA VAL A 347 -6.78 6.23 -2.25
C VAL A 347 -6.50 5.39 -3.49
N LEU A 348 -7.52 4.61 -3.89
CA LEU A 348 -7.42 3.73 -5.03
C LEU A 348 -8.45 4.14 -6.06
N THR A 349 -8.01 4.20 -7.30
CA THR A 349 -8.95 4.24 -8.39
C THR A 349 -8.66 3.21 -9.46
N ILE A 350 -9.68 2.46 -9.87
CA ILE A 350 -9.48 1.44 -10.92
C ILE A 350 -10.42 1.72 -12.04
N ASP A 351 -9.93 1.72 -13.28
CA ASP A 351 -10.79 1.84 -14.43
C ASP A 351 -10.27 1.01 -15.63
N GLU A 352 -10.79 1.28 -16.82
CA GLU A 352 -10.64 0.41 -17.99
C GLU A 352 -9.24 0.40 -18.62
N LYS A 353 -8.54 1.53 -18.70
CA LYS A 353 -7.28 1.52 -19.46
C LYS A 353 -6.20 2.21 -18.71
N GLY A 354 -6.53 3.39 -18.19
CA GLY A 354 -5.60 4.26 -17.46
C GLY A 354 -5.07 5.40 -18.34
N THR A 355 -5.78 5.69 -19.43
CA THR A 355 -5.28 6.55 -20.51
C THR A 355 -6.40 6.83 -21.54
N GLU A 356 -6.57 8.08 -21.94
CA GLU A 356 -7.50 8.44 -23.02
C GLU A 356 -6.95 7.95 -24.38
N ALA A 357 -5.63 7.84 -24.48
CA ALA A 357 -4.94 7.29 -25.67
C ALA A 357 -5.49 5.93 -26.10
N MET A 361 -1.80 -2.56 -29.75
CA MET A 361 -2.78 -3.60 -30.00
C MET A 361 -2.13 -4.98 -30.01
N PHE A 362 -2.97 -5.98 -29.81
CA PHE A 362 -2.54 -7.36 -29.65
C PHE A 362 -3.76 -8.26 -29.85
N LEU A 363 -3.54 -9.56 -29.98
CA LEU A 363 -4.65 -10.48 -30.22
C LEU A 363 -4.43 -11.73 -29.42
N GLU A 364 -5.46 -12.13 -28.68
CA GLU A 364 -5.44 -13.36 -27.89
C GLU A 364 -6.24 -14.44 -28.61
N ALA A 365 -5.70 -15.66 -28.62
CA ALA A 365 -6.41 -16.82 -29.19
C ALA A 365 -7.32 -17.41 -28.13
N ILE A 366 -8.62 -17.28 -28.36
CA ILE A 366 -9.63 -17.77 -27.42
C ILE A 366 -10.14 -19.13 -27.87
N PRO A 367 -9.96 -20.17 -27.05
CA PRO A 367 -10.50 -21.48 -27.49
C PRO A 367 -12.04 -21.56 -27.47
N MET A 368 -12.62 -22.52 -28.22
CA MET A 368 -14.07 -22.82 -28.21
C MET A 368 -14.72 -23.04 -26.82
N SER A 369 -14.09 -23.81 -25.96
CA SER A 369 -14.68 -24.19 -24.69
C SER A 369 -15.33 -23.04 -23.93
N ILE A 370 -16.32 -23.35 -23.09
CA ILE A 370 -16.95 -22.29 -22.36
C ILE A 370 -15.93 -21.76 -21.30
N PRO A 371 -15.73 -20.45 -21.28
CA PRO A 371 -14.84 -19.86 -20.28
C PRO A 371 -15.51 -19.79 -18.93
N PRO A 372 -14.76 -19.99 -17.84
CA PRO A 372 -15.36 -19.71 -16.54
C PRO A 372 -15.65 -18.21 -16.40
N GLU A 373 -16.78 -17.89 -15.78
CA GLU A 373 -17.20 -16.51 -15.49
C GLU A 373 -16.62 -16.19 -14.15
N VAL A 374 -15.72 -15.22 -14.12
CA VAL A 374 -15.11 -14.87 -12.86
C VAL A 374 -15.45 -13.41 -12.56
N LYS A 375 -16.37 -13.22 -11.62
CA LYS A 375 -16.92 -11.93 -11.25
C LYS A 375 -16.47 -11.48 -9.86
N PHE A 376 -15.81 -10.32 -9.85
CA PHE A 376 -15.38 -9.66 -8.64
C PHE A 376 -16.54 -8.81 -8.22
N ASN A 377 -17.63 -9.51 -7.87
CA ASN A 377 -18.89 -8.93 -7.51
C ASN A 377 -19.32 -9.24 -6.07
N LYS A 378 -18.32 -9.42 -5.23
CA LYS A 378 -18.51 -9.72 -3.83
C LYS A 378 -17.18 -9.44 -3.16
N PRO A 379 -17.15 -9.41 -1.83
CA PRO A 379 -15.93 -8.91 -1.26
C PRO A 379 -14.66 -9.63 -1.71
N PHE A 380 -13.65 -8.87 -2.10
CA PHE A 380 -12.37 -9.44 -2.49
C PHE A 380 -11.15 -8.69 -1.95
N VAL A 381 -10.01 -9.35 -2.10
CA VAL A 381 -8.78 -8.85 -1.61
C VAL A 381 -7.85 -8.59 -2.81
N PHE A 382 -6.96 -7.62 -2.66
CA PHE A 382 -5.96 -7.40 -3.69
C PHE A 382 -4.69 -6.76 -3.20
N LEU A 383 -3.69 -6.88 -4.07
CA LEU A 383 -2.30 -6.56 -3.75
C LEU A 383 -1.71 -5.94 -4.99
N MET A 384 -0.94 -4.86 -4.81
CA MET A 384 -0.17 -4.30 -5.89
C MET A 384 1.30 -4.44 -5.59
N ILE A 385 2.01 -4.97 -6.59
CA ILE A 385 3.36 -5.44 -6.43
C ILE A 385 4.24 -4.72 -7.41
N GLU A 386 5.37 -4.15 -6.98
CA GLU A 386 6.31 -3.60 -7.96
C GLU A 386 7.20 -4.74 -8.45
N GLN A 387 7.49 -4.74 -9.76
CA GLN A 387 8.09 -5.92 -10.41
C GLN A 387 9.54 -6.20 -9.98
N ASN A 388 10.39 -5.17 -10.07
CA ASN A 388 11.81 -5.31 -9.77
C ASN A 388 12.05 -5.69 -8.31
N THR A 389 11.38 -5.02 -7.39
CA THR A 389 11.55 -5.29 -5.99
C THR A 389 10.66 -6.40 -5.47
N LYS A 390 9.52 -6.60 -6.13
CA LYS A 390 8.47 -7.53 -5.67
C LYS A 390 7.84 -7.05 -4.38
N SER A 391 7.93 -5.76 -4.10
CA SER A 391 7.42 -5.28 -2.82
C SER A 391 5.90 -5.00 -2.93
N PRO A 392 5.18 -5.10 -1.79
CA PRO A 392 3.76 -4.79 -1.69
C PRO A 392 3.44 -3.25 -1.58
N LEU A 393 3.35 -2.61 -2.71
CA LEU A 393 3.10 -1.18 -2.71
C LEU A 393 1.80 -0.83 -1.99
N PHE A 394 0.73 -1.54 -2.32
CA PHE A 394 -0.58 -1.31 -1.73
C PHE A 394 -1.31 -2.63 -1.50
N MET A 395 -2.19 -2.65 -0.51
CA MET A 395 -3.04 -3.78 -0.28
C MET A 395 -4.39 -3.36 0.20
N GLY A 396 -5.43 -4.11 -0.15
CA GLY A 396 -6.74 -3.78 0.35
C GLY A 396 -7.80 -4.83 0.20
N LYS A 397 -9.00 -4.46 0.64
CA LYS A 397 -10.19 -5.24 0.50
C LYS A 397 -11.34 -4.37 0.09
N VAL A 398 -12.05 -4.81 -0.92
CA VAL A 398 -13.28 -4.19 -1.35
C VAL A 398 -14.48 -4.95 -0.83
N VAL A 399 -15.15 -4.34 0.14
CA VAL A 399 -16.39 -4.84 0.70
C VAL A 399 -17.62 -4.24 0.03
N ASN A 400 -17.51 -2.98 -0.40
CA ASN A 400 -18.61 -2.24 -0.99
C ASN A 400 -17.98 -1.07 -1.77
N PRO A 401 -17.93 -1.15 -3.11
CA PRO A 401 -17.30 -0.08 -3.89
C PRO A 401 -17.96 1.29 -3.78
N THR A 402 -19.23 1.36 -3.40
CA THR A 402 -19.95 2.62 -3.31
C THR A 402 -20.08 3.11 -1.87
N GLN A 403 -19.34 2.49 -0.95
CA GLN A 403 -19.35 2.85 0.44
C GLN A 403 -19.22 4.34 0.65
C ACE B 1 -5.91 1.16 -13.85
O ACE B 1 -7.01 1.02 -13.31
CH3 ACE B 1 -5.88 1.37 -15.33
N THR B 2 -5.01 2.03 -13.26
CA THR B 2 -5.05 2.23 -11.80
C THR B 2 -4.26 3.45 -11.31
N THR B 3 -4.90 4.25 -10.47
CA THR B 3 -4.21 5.24 -9.67
C THR B 3 -4.28 4.78 -8.22
N ALA B 4 -3.11 4.73 -7.61
CA ALA B 4 -2.99 4.45 -6.20
C ALA B 4 -2.05 5.49 -5.58
N ILE B 5 -2.57 6.16 -4.57
CA ILE B 5 -1.90 7.25 -3.91
C ILE B 5 -1.91 6.95 -2.41
N NH2 B 6 -0.56 7.00 -1.79
C ACE C 1 0.88 7.23 1.23
O ACE C 1 0.33 6.52 2.03
CH3 ACE C 1 1.63 6.62 0.11
N THR C 2 1.29 8.42 1.52
CA THR C 2 0.54 9.28 2.39
C THR C 2 0.58 8.79 3.81
N THR C 3 1.76 8.79 4.36
CA THR C 3 1.94 8.52 5.76
C THR C 3 2.59 9.69 6.47
N ALA C 4 2.01 10.11 7.57
CA ALA C 4 2.59 11.19 8.34
C ALA C 4 2.70 10.85 9.79
N ILE C 5 3.89 11.03 10.33
CA ILE C 5 4.04 10.98 11.75
C ILE C 5 4.43 12.31 12.36
N NH2 C 6 5.60 12.94 12.30
C1 GOL D . -4.63 -9.25 -18.46
O1 GOL D . -4.15 -10.50 -18.92
C2 GOL D . -3.47 -8.23 -18.35
O2 GOL D . -2.39 -8.72 -17.52
C3 GOL D . -4.05 -6.89 -17.84
O3 GOL D . -3.12 -5.84 -18.12
C1 GOL E . 3.69 -10.50 -1.13
O1 GOL E . 3.97 -11.57 -0.23
C2 GOL E . 4.99 -9.98 -1.75
O2 GOL E . 4.91 -8.57 -2.04
C3 GOL E . 5.25 -10.77 -3.03
O3 GOL E . 6.57 -10.51 -3.48
#